data_6JIC
#
_entry.id   6JIC
#
_entity_poly.entity_id   1
_entity_poly.type   'polypeptide(L)'
_entity_poly.pdbx_seq_one_letter_code
;QDDPTCGKPCNTMDDCSNGWFCQACWNSRKTCGPFV
;
_entity_poly.pdbx_strand_id   A
#
# COMPACT_ATOMS: atom_id res chain seq x y z
N GLN A 1 3.67 -9.77 -11.38
CA GLN A 1 3.85 -8.66 -10.45
C GLN A 1 2.80 -7.57 -10.69
N ASP A 2 1.64 -7.72 -10.07
CA ASP A 2 0.56 -6.76 -10.21
C ASP A 2 0.62 -5.70 -9.11
N ASP A 3 0.21 -6.09 -7.91
CA ASP A 3 0.21 -5.18 -6.77
C ASP A 3 -0.24 -3.78 -7.19
N PRO A 4 -1.50 -3.67 -7.62
CA PRO A 4 -2.09 -2.40 -8.06
C PRO A 4 -2.28 -1.42 -6.90
N THR A 5 -2.25 -1.95 -5.68
CA THR A 5 -2.43 -1.13 -4.49
C THR A 5 -1.34 -0.06 -4.38
N CYS A 6 -0.15 -0.40 -4.86
CA CYS A 6 0.97 0.53 -4.82
C CYS A 6 0.59 1.88 -5.44
N GLY A 7 0.93 2.96 -4.74
CA GLY A 7 0.61 4.29 -5.23
C GLY A 7 -0.79 4.72 -4.85
N LYS A 8 -1.54 3.82 -4.22
CA LYS A 8 -2.91 4.13 -3.81
C LYS A 8 -2.91 4.89 -2.49
N PRO A 9 -3.54 6.08 -2.50
CA PRO A 9 -3.63 6.93 -1.31
C PRO A 9 -4.56 6.34 -0.24
N CYS A 10 -4.18 6.52 1.02
CA CYS A 10 -4.97 6.01 2.13
C CYS A 10 -4.46 6.54 3.46
N ASN A 11 -5.23 6.33 4.52
CA ASN A 11 -4.84 6.77 5.85
C ASN A 11 -4.92 5.64 6.86
N THR A 12 -5.35 4.47 6.39
CA THR A 12 -5.46 3.30 7.25
C THR A 12 -4.82 2.07 6.61
N MET A 13 -4.56 1.06 7.43
CA MET A 13 -3.95 -0.17 6.94
C MET A 13 -5.00 -1.11 6.34
N ASP A 14 -6.11 -0.53 5.90
CA ASP A 14 -7.19 -1.32 5.30
C ASP A 14 -7.26 -1.10 3.80
N ASP A 15 -6.65 0.00 3.34
CA ASP A 15 -6.65 0.31 1.92
C ASP A 15 -5.42 -0.28 1.23
N CYS A 16 -4.78 -1.23 1.90
CA CYS A 16 -3.59 -1.87 1.36
C CYS A 16 -3.53 -3.34 1.76
N SER A 17 -4.66 -3.86 2.23
CA SER A 17 -4.75 -5.26 2.66
C SER A 17 -5.17 -6.15 1.50
N ASN A 18 -4.56 -5.95 0.33
CA ASN A 18 -4.88 -6.74 -0.85
C ASN A 18 -3.62 -6.99 -1.68
N GLY A 19 -2.87 -5.92 -1.95
CA GLY A 19 -1.66 -6.05 -2.73
C GLY A 19 -0.75 -7.15 -2.22
N TRP A 20 -0.01 -7.77 -3.13
CA TRP A 20 0.90 -8.85 -2.77
C TRP A 20 2.25 -8.29 -2.31
N PHE A 21 2.69 -7.22 -2.97
CA PHE A 21 3.96 -6.59 -2.63
C PHE A 21 3.75 -5.37 -1.73
N CYS A 22 2.98 -4.41 -2.23
CA CYS A 22 2.70 -3.19 -1.49
C CYS A 22 1.50 -3.38 -0.57
N GLN A 23 1.65 -4.23 0.44
CA GLN A 23 0.58 -4.50 1.39
C GLN A 23 0.67 -3.56 2.59
N ALA A 24 1.11 -2.34 2.35
CA ALA A 24 1.24 -1.35 3.41
C ALA A 24 0.77 0.02 2.96
N CYS A 25 -0.17 0.60 3.69
CA CYS A 25 -0.71 1.91 3.36
C CYS A 25 0.40 2.95 3.28
N TRP A 26 1.52 2.66 3.92
CA TRP A 26 2.66 3.57 3.93
C TRP A 26 2.27 4.93 4.50
N ASN A 27 2.49 5.12 5.80
CA ASN A 27 2.16 6.36 6.46
C ASN A 27 3.20 7.44 6.16
N SER A 28 4.25 7.04 5.44
CA SER A 28 5.32 7.97 5.08
C SER A 28 4.81 9.06 4.15
N ARG A 29 3.87 8.70 3.29
CA ARG A 29 3.30 9.65 2.34
C ARG A 29 1.82 9.37 2.11
N LYS A 30 1.24 8.53 2.97
CA LYS A 30 -0.16 8.17 2.86
C LYS A 30 -0.44 7.47 1.53
N THR A 31 0.61 7.00 0.88
CA THR A 31 0.47 6.32 -0.40
C THR A 31 1.03 4.90 -0.32
N CYS A 32 0.16 3.92 -0.53
CA CYS A 32 0.56 2.51 -0.48
C CYS A 32 1.95 2.33 -1.08
N GLY A 33 2.74 1.46 -0.46
CA GLY A 33 4.09 1.20 -0.95
C GLY A 33 4.56 -0.20 -0.64
N PRO A 34 5.69 -0.60 -1.24
CA PRO A 34 6.28 -1.92 -1.04
C PRO A 34 6.84 -2.10 0.37
N PHE A 35 7.08 -3.35 0.75
CA PHE A 35 7.63 -3.66 2.07
C PHE A 35 9.09 -4.08 1.97
N VAL A 36 9.63 -4.59 3.08
CA VAL A 36 11.02 -5.02 3.11
C VAL A 36 11.21 -6.16 4.11
N GLN A 1 3.96 -9.95 -11.05
CA GLN A 1 4.12 -8.84 -10.12
C GLN A 1 3.11 -7.73 -10.40
N ASP A 2 1.92 -7.86 -9.82
CA ASP A 2 0.87 -6.86 -10.01
C ASP A 2 0.92 -5.81 -8.91
N ASP A 3 0.45 -6.17 -7.73
CA ASP A 3 0.43 -5.26 -6.59
C ASP A 3 0.03 -3.86 -7.03
N PRO A 4 -1.21 -3.71 -7.50
CA PRO A 4 -1.74 -2.42 -7.97
C PRO A 4 -1.97 -1.45 -6.82
N THR A 5 -1.97 -1.97 -5.60
CA THR A 5 -2.18 -1.14 -4.42
C THR A 5 -1.07 -0.11 -4.28
N CYS A 6 0.14 -0.47 -4.70
CA CYS A 6 1.28 0.43 -4.62
C CYS A 6 0.95 1.78 -5.26
N GLY A 7 1.29 2.85 -4.57
CA GLY A 7 1.04 4.19 -5.08
C GLY A 7 -0.37 4.67 -4.76
N LYS A 8 -1.17 3.80 -4.16
CA LYS A 8 -2.54 4.14 -3.81
C LYS A 8 -2.59 4.92 -2.49
N PRO A 9 -3.18 6.12 -2.54
CA PRO A 9 -3.31 6.99 -1.37
C PRO A 9 -4.30 6.44 -0.35
N CYS A 10 -3.97 6.61 0.93
CA CYS A 10 -4.83 6.13 2.00
C CYS A 10 -4.35 6.66 3.35
N ASN A 11 -5.17 6.46 4.38
CA ASN A 11 -4.83 6.92 5.72
C ASN A 11 -4.98 5.78 6.74
N THR A 12 -5.40 4.62 6.26
CA THR A 12 -5.58 3.45 7.13
C THR A 12 -4.95 2.21 6.52
N MET A 13 -4.75 1.19 7.34
CA MET A 13 -4.15 -0.06 6.88
C MET A 13 -5.20 -0.97 6.25
N ASP A 14 -6.27 -0.36 5.76
CA ASP A 14 -7.36 -1.12 5.12
C ASP A 14 -7.35 -0.91 3.61
N ASP A 15 -6.70 0.16 3.17
CA ASP A 15 -6.61 0.47 1.75
C ASP A 15 -5.38 -0.16 1.11
N CYS A 16 -4.79 -1.12 1.82
CA CYS A 16 -3.60 -1.80 1.33
C CYS A 16 -3.60 -3.27 1.75
N SER A 17 -4.76 -3.75 2.17
CA SER A 17 -4.89 -5.14 2.60
C SER A 17 -5.30 -6.03 1.43
N ASN A 18 -4.64 -5.84 0.30
CA ASN A 18 -4.93 -6.63 -0.89
C ASN A 18 -3.65 -6.92 -1.67
N GLY A 19 -2.85 -5.89 -1.91
CA GLY A 19 -1.61 -6.05 -2.63
C GLY A 19 -0.75 -7.18 -2.09
N TRP A 20 0.01 -7.83 -2.96
CA TRP A 20 0.87 -8.93 -2.55
C TRP A 20 2.22 -8.41 -2.05
N PHE A 21 2.70 -7.34 -2.68
CA PHE A 21 3.98 -6.76 -2.28
C PHE A 21 3.77 -5.52 -1.40
N CYS A 22 3.05 -4.54 -1.94
CA CYS A 22 2.78 -3.31 -1.21
C CYS A 22 1.53 -3.47 -0.34
N GLN A 23 1.63 -4.29 0.69
CA GLN A 23 0.50 -4.52 1.59
C GLN A 23 0.57 -3.58 2.79
N ALA A 24 1.04 -2.37 2.56
CA ALA A 24 1.15 -1.37 3.62
C ALA A 24 0.73 0.01 3.12
N CYS A 25 -0.21 0.62 3.82
CA CYS A 25 -0.71 1.94 3.45
C CYS A 25 0.43 2.96 3.42
N TRP A 26 1.52 2.64 4.10
CA TRP A 26 2.67 3.52 4.15
C TRP A 26 2.29 4.89 4.70
N ASN A 27 2.46 5.08 6.00
CA ASN A 27 2.12 6.35 6.64
C ASN A 27 3.21 7.39 6.38
N SER A 28 4.28 6.97 5.72
CA SER A 28 5.38 7.87 5.40
C SER A 28 4.94 8.97 4.45
N ARG A 29 4.03 8.62 3.54
CA ARG A 29 3.51 9.58 2.56
C ARG A 29 2.05 9.32 2.27
N LYS A 30 1.41 8.51 3.12
CA LYS A 30 0.00 8.18 2.95
C LYS A 30 -0.24 7.48 1.61
N THR A 31 0.83 6.99 1.00
CA THR A 31 0.75 6.31 -0.28
C THR A 31 1.25 4.87 -0.18
N CYS A 32 0.36 3.91 -0.41
CA CYS A 32 0.72 2.51 -0.33
C CYS A 32 2.13 2.27 -0.89
N GLY A 33 2.86 1.38 -0.24
CA GLY A 33 4.22 1.08 -0.66
C GLY A 33 4.63 -0.35 -0.35
N PRO A 34 5.78 -0.76 -0.89
CA PRO A 34 6.30 -2.12 -0.69
C PRO A 34 6.78 -2.34 0.75
N PHE A 35 7.09 -3.59 1.08
CA PHE A 35 7.56 -3.94 2.41
C PHE A 35 9.06 -3.75 2.53
N VAL A 36 9.65 -3.08 1.54
CA VAL A 36 11.08 -2.83 1.53
C VAL A 36 11.43 -1.53 2.24
N GLN A 1 2.66 -10.91 -10.85
CA GLN A 1 3.03 -9.50 -10.90
C GLN A 1 1.79 -8.63 -11.08
N ASP A 2 1.67 -7.61 -10.24
CA ASP A 2 0.55 -6.69 -10.29
C ASP A 2 0.64 -5.63 -9.20
N ASP A 3 0.33 -6.02 -7.98
CA ASP A 3 0.38 -5.10 -6.85
C ASP A 3 -0.12 -3.72 -7.24
N PRO A 4 -1.39 -3.64 -7.66
CA PRO A 4 -2.00 -2.37 -8.08
C PRO A 4 -2.23 -1.41 -6.91
N THR A 5 -2.16 -1.95 -5.70
CA THR A 5 -2.35 -1.14 -4.50
C THR A 5 -1.27 -0.07 -4.38
N CYS A 6 -0.08 -0.38 -4.87
CA CYS A 6 1.05 0.56 -4.82
C CYS A 6 0.66 1.90 -5.42
N GLY A 7 0.99 2.97 -4.72
CA GLY A 7 0.67 4.30 -5.21
C GLY A 7 -0.74 4.73 -4.83
N LYS A 8 -1.48 3.83 -4.20
CA LYS A 8 -2.85 4.11 -3.79
C LYS A 8 -2.88 4.89 -2.48
N PRO A 9 -3.51 6.07 -2.50
CA PRO A 9 -3.62 6.92 -1.31
C PRO A 9 -4.55 6.34 -0.25
N CYS A 10 -4.20 6.52 1.01
CA CYS A 10 -5.00 6.00 2.11
C CYS A 10 -4.48 6.54 3.45
N ASN A 11 -5.27 6.32 4.51
CA ASN A 11 -4.90 6.77 5.84
C ASN A 11 -4.98 5.63 6.85
N THR A 12 -5.38 4.46 6.37
CA THR A 12 -5.52 3.28 7.24
C THR A 12 -4.85 2.07 6.60
N MET A 13 -4.60 1.05 7.42
CA MET A 13 -3.98 -0.18 6.94
C MET A 13 -5.02 -1.12 6.33
N ASP A 14 -6.12 -0.55 5.86
CA ASP A 14 -7.19 -1.34 5.26
C ASP A 14 -7.26 -1.12 3.76
N ASP A 15 -6.66 -0.02 3.31
CA ASP A 15 -6.65 0.31 1.89
C ASP A 15 -5.41 -0.26 1.20
N CYS A 16 -4.76 -1.21 1.88
CA CYS A 16 -3.57 -1.85 1.34
C CYS A 16 -3.50 -3.31 1.74
N SER A 17 -4.62 -3.84 2.21
CA SER A 17 -4.70 -5.24 2.63
C SER A 17 -5.11 -6.14 1.47
N ASN A 18 -4.50 -5.92 0.31
CA ASN A 18 -4.80 -6.71 -0.88
C ASN A 18 -3.53 -6.98 -1.69
N GLY A 19 -2.80 -5.91 -1.99
CA GLY A 19 -1.57 -6.04 -2.76
C GLY A 19 -0.65 -7.12 -2.20
N TRP A 20 0.11 -7.75 -3.08
CA TRP A 20 1.04 -8.80 -2.66
C TRP A 20 2.37 -8.20 -2.22
N PHE A 21 2.83 -7.17 -2.92
CA PHE A 21 4.09 -6.52 -2.59
C PHE A 21 3.85 -5.30 -1.71
N CYS A 22 3.07 -4.35 -2.22
CA CYS A 22 2.76 -3.13 -1.47
C CYS A 22 1.54 -3.33 -0.58
N GLN A 23 1.70 -4.19 0.43
CA GLN A 23 0.61 -4.47 1.36
C GLN A 23 0.68 -3.55 2.57
N ALA A 24 1.12 -2.32 2.35
CA ALA A 24 1.24 -1.34 3.42
C ALA A 24 0.77 0.04 2.96
N CYS A 25 -0.19 0.60 3.69
CA CYS A 25 -0.73 1.92 3.35
C CYS A 25 0.38 2.97 3.30
N TRP A 26 1.50 2.67 3.95
CA TRP A 26 2.63 3.58 3.98
C TRP A 26 2.22 4.94 4.55
N ASN A 27 2.43 5.11 5.86
CA ASN A 27 2.08 6.36 6.53
C ASN A 27 3.12 7.43 6.24
N SER A 28 4.19 7.05 5.53
CA SER A 28 5.26 7.99 5.20
C SER A 28 4.75 9.09 4.27
N ARG A 29 3.82 8.73 3.39
CA ARG A 29 3.25 9.69 2.45
C ARG A 29 1.78 9.39 2.20
N LYS A 30 1.19 8.55 3.05
CA LYS A 30 -0.22 8.18 2.92
C LYS A 30 -0.47 7.49 1.58
N THR A 31 0.59 7.03 0.94
CA THR A 31 0.48 6.36 -0.35
C THR A 31 1.05 4.94 -0.28
N CYS A 32 0.17 3.95 -0.50
CA CYS A 32 0.59 2.56 -0.46
C CYS A 32 1.98 2.38 -1.04
N GLY A 33 2.78 1.50 -0.43
CA GLY A 33 4.12 1.26 -0.90
C GLY A 33 4.60 -0.14 -0.58
N PRO A 34 5.73 -0.53 -1.18
CA PRO A 34 6.32 -1.86 -0.97
C PRO A 34 6.88 -2.03 0.43
N PHE A 35 7.14 -3.29 0.81
CA PHE A 35 7.67 -3.59 2.13
C PHE A 35 9.15 -3.98 2.04
N VAL A 36 9.68 -4.51 3.14
CA VAL A 36 11.07 -4.93 3.18
C VAL A 36 11.26 -6.09 4.16
N GLN A 1 2.84 -10.48 -10.85
CA GLN A 1 3.31 -9.33 -10.12
C GLN A 1 2.54 -8.07 -10.52
N ASP A 2 1.33 -7.93 -9.98
CA ASP A 2 0.48 -6.79 -10.30
C ASP A 2 0.57 -5.74 -9.19
N ASP A 3 0.16 -6.11 -7.98
CA ASP A 3 0.19 -5.21 -6.85
C ASP A 3 -0.24 -3.81 -7.26
N PRO A 4 -1.50 -3.67 -7.69
CA PRO A 4 -2.07 -2.39 -8.11
C PRO A 4 -2.26 -1.43 -6.96
N THR A 5 -2.23 -1.96 -5.74
CA THR A 5 -2.41 -1.15 -4.55
C THR A 5 -1.30 -0.10 -4.43
N CYS A 6 -0.13 -0.43 -4.96
CA CYS A 6 1.01 0.49 -4.91
C CYS A 6 0.64 1.85 -5.49
N GLY A 7 1.02 2.92 -4.79
CA GLY A 7 0.72 4.25 -5.25
C GLY A 7 -0.67 4.70 -4.89
N LYS A 8 -1.41 3.82 -4.20
CA LYS A 8 -2.78 4.13 -3.78
C LYS A 8 -2.77 4.90 -2.46
N PRO A 9 -3.39 6.10 -2.47
CA PRO A 9 -3.48 6.95 -1.29
C PRO A 9 -4.41 6.37 -0.23
N CYS A 10 -4.04 6.52 1.03
CA CYS A 10 -4.83 6.02 2.13
C CYS A 10 -4.30 6.52 3.47
N ASN A 11 -5.07 6.30 4.54
CA ASN A 11 -4.67 6.73 5.87
C ASN A 11 -4.79 5.59 6.87
N THR A 12 -5.24 4.44 6.39
CA THR A 12 -5.40 3.26 7.23
C THR A 12 -4.79 2.03 6.60
N MET A 13 -4.56 1.00 7.41
CA MET A 13 -3.97 -0.25 6.93
C MET A 13 -5.03 -1.16 6.32
N ASP A 14 -6.11 -0.55 5.85
CA ASP A 14 -7.21 -1.31 5.24
C ASP A 14 -7.28 -1.06 3.74
N ASP A 15 -6.66 0.02 3.30
CA ASP A 15 -6.65 0.38 1.89
C ASP A 15 -5.43 -0.21 1.19
N CYS A 16 -4.79 -1.17 1.84
CA CYS A 16 -3.60 -1.82 1.28
C CYS A 16 -3.55 -3.29 1.68
N SER A 17 -4.67 -3.81 2.15
CA SER A 17 -4.75 -5.20 2.57
C SER A 17 -5.19 -6.10 1.42
N ASN A 18 -4.58 -5.89 0.25
CA ASN A 18 -4.92 -6.67 -0.93
C ASN A 18 -3.67 -6.95 -1.76
N GLY A 19 -2.90 -5.89 -2.04
CA GLY A 19 -1.70 -6.03 -2.83
C GLY A 19 -0.79 -7.14 -2.31
N TRP A 20 -0.08 -7.79 -3.22
CA TRP A 20 0.82 -8.88 -2.85
C TRP A 20 2.18 -8.34 -2.40
N PHE A 21 2.63 -7.28 -3.06
CA PHE A 21 3.91 -6.66 -2.73
C PHE A 21 3.71 -5.43 -1.84
N CYS A 22 2.94 -4.48 -2.34
CA CYS A 22 2.68 -3.25 -1.60
C CYS A 22 1.46 -3.42 -0.69
N GLN A 23 1.59 -4.31 0.29
CA GLN A 23 0.50 -4.58 1.23
C GLN A 23 0.61 -3.67 2.46
N ALA A 24 1.09 -2.44 2.23
CA ALA A 24 1.23 -1.47 3.31
C ALA A 24 0.78 -0.09 2.88
N CYS A 25 -0.16 0.49 3.62
CA CYS A 25 -0.68 1.81 3.31
C CYS A 25 0.44 2.84 3.26
N TRP A 26 1.55 2.52 3.91
CA TRP A 26 2.71 3.42 3.95
C TRP A 26 2.32 4.77 4.55
N ASN A 27 2.56 4.92 5.85
CA ASN A 27 2.24 6.15 6.55
C ASN A 27 3.27 7.23 6.23
N SER A 28 4.31 6.86 5.49
CA SER A 28 5.36 7.79 5.12
C SER A 28 4.77 9.06 4.50
N ARG A 29 3.78 8.88 3.64
CA ARG A 29 3.13 10.01 2.98
C ARG A 29 1.70 9.65 2.57
N LYS A 30 1.15 8.62 3.22
CA LYS A 30 -0.21 8.18 2.92
C LYS A 30 -0.31 7.67 1.48
N THR A 31 0.66 6.85 1.08
CA THR A 31 0.67 6.29 -0.27
C THR A 31 1.17 4.86 -0.26
N CYS A 32 0.26 3.91 -0.48
CA CYS A 32 0.60 2.50 -0.51
C CYS A 32 1.98 2.29 -1.11
N GLY A 33 2.77 1.40 -0.51
CA GLY A 33 4.11 1.12 -1.01
C GLY A 33 4.55 -0.29 -0.71
N PRO A 34 5.68 -0.71 -1.31
CA PRO A 34 6.24 -2.05 -1.11
C PRO A 34 6.79 -2.25 0.29
N PHE A 35 7.03 -3.50 0.66
CA PHE A 35 7.57 -3.82 1.97
C PHE A 35 8.99 -3.30 2.13
N VAL A 36 9.66 -3.73 3.19
CA VAL A 36 11.03 -3.30 3.44
C VAL A 36 11.85 -4.43 4.06
N GLN A 1 2.80 -10.09 -9.93
CA GLN A 1 3.56 -8.96 -10.46
C GLN A 1 2.61 -7.79 -10.76
N ASP A 2 1.46 -7.77 -10.11
CA ASP A 2 0.48 -6.72 -10.31
C ASP A 2 0.57 -5.66 -9.20
N ASP A 3 0.20 -6.05 -7.99
CA ASP A 3 0.25 -5.13 -6.85
C ASP A 3 -0.21 -3.74 -7.25
N PRO A 4 -1.48 -3.63 -7.68
CA PRO A 4 -2.06 -2.35 -8.10
C PRO A 4 -2.27 -1.39 -6.94
N THR A 5 -2.22 -1.93 -5.73
CA THR A 5 -2.41 -1.13 -4.52
C THR A 5 -1.33 -0.06 -4.41
N CYS A 6 -0.13 -0.39 -4.88
CA CYS A 6 1.00 0.55 -4.83
C CYS A 6 0.61 1.89 -5.44
N GLY A 7 0.94 2.97 -4.72
CA GLY A 7 0.63 4.30 -5.21
C GLY A 7 -0.78 4.73 -4.83
N LYS A 8 -1.53 3.83 -4.22
CA LYS A 8 -2.91 4.12 -3.81
C LYS A 8 -2.91 4.89 -2.49
N PRO A 9 -3.56 6.07 -2.51
CA PRO A 9 -3.66 6.93 -1.33
C PRO A 9 -4.58 6.34 -0.26
N CYS A 10 -4.19 6.51 1.00
CA CYS A 10 -4.98 5.98 2.12
C CYS A 10 -4.45 6.51 3.45
N ASN A 11 -5.21 6.31 4.51
CA ASN A 11 -4.82 6.76 5.84
C ASN A 11 -4.91 5.63 6.85
N THR A 12 -5.33 4.45 6.38
CA THR A 12 -5.46 3.28 7.25
C THR A 12 -4.79 2.06 6.61
N MET A 13 -4.53 1.04 7.43
CA MET A 13 -3.91 -0.18 6.95
C MET A 13 -4.96 -1.13 6.36
N ASP A 14 -6.06 -0.56 5.90
CA ASP A 14 -7.14 -1.35 5.32
C ASP A 14 -7.22 -1.14 3.80
N ASP A 15 -6.61 -0.04 3.35
CA ASP A 15 -6.61 0.28 1.92
C ASP A 15 -5.39 -0.29 1.23
N CYS A 16 -4.73 -1.24 1.90
CA CYS A 16 -3.53 -1.87 1.35
C CYS A 16 -3.48 -3.34 1.74
N SER A 17 -4.60 -3.87 2.23
CA SER A 17 -4.67 -5.27 2.64
C SER A 17 -5.13 -6.15 1.49
N ASN A 18 -4.55 -5.93 0.31
CA ASN A 18 -4.89 -6.71 -0.87
C ASN A 18 -3.66 -6.97 -1.72
N GLY A 19 -2.89 -5.92 -2.00
CA GLY A 19 -1.69 -6.05 -2.81
C GLY A 19 -0.79 -7.16 -2.31
N TRP A 20 -0.06 -7.78 -3.23
CA TRP A 20 0.85 -8.87 -2.87
C TRP A 20 2.19 -8.32 -2.41
N PHE A 21 2.63 -7.22 -3.02
CA PHE A 21 3.90 -6.60 -2.66
C PHE A 21 3.68 -5.40 -1.75
N CYS A 22 3.03 -4.38 -2.28
CA CYS A 22 2.76 -3.16 -1.51
C CYS A 22 1.55 -3.36 -0.59
N GLN A 23 1.72 -4.21 0.42
CA GLN A 23 0.65 -4.48 1.37
C GLN A 23 0.74 -3.56 2.57
N ALA A 24 1.17 -2.32 2.34
CA ALA A 24 1.30 -1.34 3.41
C ALA A 24 0.82 0.03 2.95
N CYS A 25 -0.16 0.58 3.66
CA CYS A 25 -0.71 1.89 3.32
C CYS A 25 0.39 2.94 3.26
N TRP A 26 1.50 2.67 3.92
CA TRP A 26 2.63 3.59 3.94
C TRP A 26 2.22 4.94 4.51
N ASN A 27 2.46 5.13 5.81
CA ASN A 27 2.11 6.38 6.48
C ASN A 27 3.15 7.45 6.19
N SER A 28 4.20 7.07 5.47
CA SER A 28 5.27 8.01 5.12
C SER A 28 4.76 9.10 4.19
N ARG A 29 3.85 8.73 3.29
CA ARG A 29 3.27 9.66 2.34
C ARG A 29 1.80 9.37 2.10
N LYS A 30 1.22 8.53 2.96
CA LYS A 30 -0.19 8.16 2.84
C LYS A 30 -0.45 7.47 1.52
N THR A 31 0.60 7.00 0.88
CA THR A 31 0.49 6.30 -0.41
C THR A 31 1.04 4.89 -0.32
N CYS A 32 0.18 3.90 -0.53
CA CYS A 32 0.58 2.51 -0.47
C CYS A 32 1.98 2.32 -1.04
N GLY A 33 2.75 1.43 -0.43
CA GLY A 33 4.11 1.18 -0.90
C GLY A 33 4.60 -0.20 -0.50
N PRO A 34 5.73 -0.62 -1.10
CA PRO A 34 6.33 -1.93 -0.83
C PRO A 34 6.92 -2.01 0.56
N PHE A 35 7.17 -3.24 1.03
CA PHE A 35 7.73 -3.45 2.36
C PHE A 35 9.25 -3.41 2.31
N VAL A 36 9.85 -2.51 3.07
CA VAL A 36 11.30 -2.37 3.11
C VAL A 36 11.80 -2.24 4.55
N GLN A 1 3.92 -9.76 -11.31
CA GLN A 1 4.08 -8.67 -10.36
C GLN A 1 3.06 -7.57 -10.62
N ASP A 2 1.86 -7.74 -10.06
CA ASP A 2 0.79 -6.75 -10.23
C ASP A 2 0.82 -5.72 -9.11
N ASP A 3 0.37 -6.12 -7.92
CA ASP A 3 0.34 -5.23 -6.78
C ASP A 3 -0.09 -3.82 -7.19
N PRO A 4 -1.34 -3.71 -7.66
CA PRO A 4 -1.90 -2.42 -8.10
C PRO A 4 -2.15 -1.47 -6.93
N THR A 5 -2.14 -2.01 -5.71
CA THR A 5 -2.38 -1.21 -4.52
C THR A 5 -1.29 -0.16 -4.36
N CYS A 6 -0.12 -0.41 -4.94
CA CYS A 6 0.99 0.52 -4.86
C CYS A 6 0.61 1.89 -5.42
N GLY A 7 0.99 2.95 -4.71
CA GLY A 7 0.67 4.29 -5.16
C GLY A 7 -0.75 4.69 -4.81
N LYS A 8 -1.45 3.83 -4.08
CA LYS A 8 -2.83 4.10 -3.68
C LYS A 8 -2.87 4.87 -2.37
N PRO A 9 -3.51 6.05 -2.40
CA PRO A 9 -3.65 6.91 -1.22
C PRO A 9 -4.59 6.32 -0.18
N CYS A 10 -4.22 6.47 1.09
CA CYS A 10 -5.03 5.95 2.19
C CYS A 10 -4.58 6.54 3.53
N ASN A 11 -5.32 6.22 4.58
CA ASN A 11 -4.99 6.72 5.91
C ASN A 11 -4.95 5.57 6.92
N THR A 12 -5.22 4.36 6.45
CA THR A 12 -5.21 3.18 7.31
C THR A 12 -4.61 1.99 6.58
N MET A 13 -4.28 0.95 7.34
CA MET A 13 -3.70 -0.26 6.77
C MET A 13 -4.79 -1.22 6.29
N ASP A 14 -5.93 -0.66 5.92
CA ASP A 14 -7.05 -1.46 5.44
C ASP A 14 -7.27 -1.24 3.94
N ASP A 15 -6.75 -0.14 3.42
CA ASP A 15 -6.88 0.19 2.01
C ASP A 15 -5.72 -0.39 1.21
N CYS A 16 -5.00 -1.32 1.81
CA CYS A 16 -3.86 -1.95 1.16
C CYS A 16 -3.73 -3.42 1.58
N SER A 17 -4.82 -3.97 2.13
CA SER A 17 -4.82 -5.35 2.57
C SER A 17 -5.22 -6.28 1.42
N ASN A 18 -4.65 -6.04 0.25
CA ASN A 18 -4.94 -6.85 -0.92
C ASN A 18 -3.68 -7.09 -1.76
N GLY A 19 -2.92 -6.03 -1.98
CA GLY A 19 -1.70 -6.14 -2.76
C GLY A 19 -0.79 -7.24 -2.25
N TRP A 20 -0.03 -7.85 -3.16
CA TRP A 20 0.87 -8.93 -2.80
C TRP A 20 2.21 -8.38 -2.34
N PHE A 21 2.61 -7.24 -2.89
CA PHE A 21 3.88 -6.61 -2.52
C PHE A 21 3.63 -5.36 -1.68
N CYS A 22 2.91 -4.40 -2.25
CA CYS A 22 2.60 -3.16 -1.54
C CYS A 22 1.39 -3.32 -0.65
N GLN A 23 1.49 -4.21 0.34
CA GLN A 23 0.40 -4.47 1.27
C GLN A 23 0.48 -3.54 2.47
N ALA A 24 0.85 -2.28 2.23
CA ALA A 24 0.96 -1.30 3.30
C ALA A 24 0.43 0.06 2.85
N CYS A 25 -0.01 0.87 3.82
CA CYS A 25 -0.55 2.18 3.53
C CYS A 25 0.57 3.22 3.41
N TRP A 26 1.70 2.93 4.06
CA TRP A 26 2.85 3.84 4.03
C TRP A 26 2.46 5.22 4.55
N ASN A 27 2.69 5.46 5.83
CA ASN A 27 2.37 6.74 6.44
C ASN A 27 3.38 7.80 6.03
N SER A 28 4.40 7.38 5.29
CA SER A 28 5.44 8.30 4.84
C SER A 28 4.85 9.38 3.93
N ARG A 29 3.86 8.99 3.13
CA ARG A 29 3.21 9.92 2.20
C ARG A 29 1.74 9.57 2.04
N LYS A 30 1.22 8.74 2.93
CA LYS A 30 -0.18 8.33 2.88
C LYS A 30 -0.47 7.56 1.60
N THR A 31 0.59 7.15 0.91
CA THR A 31 0.44 6.40 -0.34
C THR A 31 1.01 5.00 -0.20
N CYS A 32 0.14 4.00 -0.31
CA CYS A 32 0.55 2.60 -0.19
C CYS A 32 1.90 2.38 -0.86
N GLY A 33 2.70 1.49 -0.28
CA GLY A 33 4.01 1.19 -0.82
C GLY A 33 4.46 -0.22 -0.54
N PRO A 34 5.59 -0.62 -1.14
CA PRO A 34 6.15 -1.96 -0.95
C PRO A 34 6.71 -2.17 0.44
N PHE A 35 6.96 -3.44 0.80
CA PHE A 35 7.49 -3.77 2.11
C PHE A 35 8.61 -4.79 2.00
N VAL A 36 9.67 -4.61 2.79
CA VAL A 36 10.80 -5.52 2.78
C VAL A 36 11.17 -5.96 4.19
N GLN A 1 4.00 -9.93 -10.98
CA GLN A 1 4.17 -8.83 -10.03
C GLN A 1 3.19 -7.71 -10.32
N ASP A 2 1.97 -7.84 -9.79
CA ASP A 2 0.94 -6.82 -9.99
C ASP A 2 0.97 -5.79 -8.87
N ASP A 3 0.47 -6.17 -7.71
CA ASP A 3 0.43 -5.27 -6.55
C ASP A 3 0.06 -3.86 -6.98
N PRO A 4 -1.17 -3.70 -7.50
CA PRO A 4 -1.67 -2.40 -7.96
C PRO A 4 -1.93 -1.44 -6.80
N THR A 5 -1.98 -1.98 -5.59
CA THR A 5 -2.22 -1.17 -4.40
C THR A 5 -1.12 -0.14 -4.21
N CYS A 6 0.07 -0.43 -4.75
CA CYS A 6 1.21 0.47 -4.64
C CYS A 6 0.88 1.84 -5.21
N GLY A 7 1.26 2.89 -4.50
CA GLY A 7 1.00 4.24 -4.95
C GLY A 7 -0.42 4.68 -4.66
N LYS A 8 -1.17 3.84 -3.95
CA LYS A 8 -2.55 4.16 -3.61
C LYS A 8 -2.62 4.93 -2.29
N PRO A 9 -3.23 6.13 -2.36
CA PRO A 9 -3.38 6.99 -1.19
C PRO A 9 -4.37 6.44 -0.17
N CYS A 10 -4.04 6.58 1.11
CA CYS A 10 -4.90 6.09 2.19
C CYS A 10 -4.48 6.67 3.54
N ASN A 11 -5.25 6.38 4.57
CA ASN A 11 -4.96 6.87 5.91
C ASN A 11 -4.98 5.73 6.92
N THR A 12 -5.28 4.53 6.45
CA THR A 12 -5.33 3.36 7.31
C THR A 12 -4.74 2.13 6.62
N MET A 13 -4.47 1.09 7.39
CA MET A 13 -3.89 -0.14 6.85
C MET A 13 -5.00 -1.06 6.33
N ASP A 14 -6.11 -0.47 5.91
CA ASP A 14 -7.24 -1.24 5.39
C ASP A 14 -7.40 -1.03 3.89
N ASP A 15 -6.83 0.07 3.39
CA ASP A 15 -6.91 0.38 1.98
C ASP A 15 -5.75 -0.24 1.21
N CYS A 16 -5.05 -1.18 1.85
CA CYS A 16 -3.91 -1.84 1.23
C CYS A 16 -3.85 -3.31 1.66
N SER A 17 -4.96 -3.82 2.16
CA SER A 17 -5.03 -5.21 2.61
C SER A 17 -5.41 -6.14 1.46
N ASN A 18 -4.79 -5.92 0.30
CA ASN A 18 -5.06 -6.73 -0.88
C ASN A 18 -3.79 -7.00 -1.66
N GLY A 19 -2.99 -5.96 -1.87
CA GLY A 19 -1.74 -6.10 -2.59
C GLY A 19 -0.89 -7.23 -2.06
N TRP A 20 -0.13 -7.87 -2.95
CA TRP A 20 0.74 -8.98 -2.56
C TRP A 20 2.08 -8.47 -2.06
N PHE A 21 2.52 -7.34 -2.60
CA PHE A 21 3.80 -6.75 -2.21
C PHE A 21 3.58 -5.49 -1.37
N CYS A 22 2.88 -4.52 -1.95
CA CYS A 22 2.59 -3.27 -1.26
C CYS A 22 1.34 -3.39 -0.41
N GLN A 23 1.39 -4.27 0.59
CA GLN A 23 0.26 -4.48 1.48
C GLN A 23 0.33 -3.55 2.68
N ALA A 24 0.73 -2.31 2.44
CA ALA A 24 0.85 -1.32 3.51
C ALA A 24 0.37 0.05 3.04
N CYS A 25 -0.08 0.86 4.00
CA CYS A 25 -0.57 2.21 3.68
C CYS A 25 0.59 3.20 3.60
N TRP A 26 1.68 2.89 4.29
CA TRP A 26 2.85 3.76 4.29
C TRP A 26 2.49 5.15 4.78
N ASN A 27 2.67 5.39 6.08
CA ASN A 27 2.37 6.69 6.66
C ASN A 27 3.43 7.73 6.28
N SER A 28 4.46 7.27 5.59
CA SER A 28 5.54 8.16 5.16
C SER A 28 5.01 9.25 4.23
N ARG A 29 4.03 8.89 3.40
CA ARG A 29 3.44 9.83 2.46
C ARG A 29 1.96 9.53 2.24
N LYS A 30 1.40 8.72 3.13
CA LYS A 30 -0.01 8.35 3.03
C LYS A 30 -0.28 7.58 1.74
N THR A 31 0.79 7.14 1.09
CA THR A 31 0.66 6.39 -0.16
C THR A 31 1.18 4.96 0.00
N CYS A 32 0.28 3.99 -0.13
CA CYS A 32 0.65 2.59 0.01
C CYS A 32 2.02 2.33 -0.61
N GLY A 33 2.77 1.41 -0.01
CA GLY A 33 4.10 1.08 -0.51
C GLY A 33 4.48 -0.35 -0.24
N PRO A 34 5.62 -0.79 -0.81
CA PRO A 34 6.12 -2.15 -0.65
C PRO A 34 6.61 -2.42 0.78
N PHE A 35 6.90 -3.68 1.07
CA PHE A 35 7.38 -4.07 2.38
C PHE A 35 8.90 -3.92 2.48
N VAL A 36 9.49 -3.23 1.51
CA VAL A 36 10.92 -3.02 1.48
C VAL A 36 11.31 -1.75 2.23
N GLN A 1 3.83 -9.74 -11.43
CA GLN A 1 3.98 -8.67 -10.45
C GLN A 1 2.95 -7.57 -10.70
N ASP A 2 1.76 -7.74 -10.14
CA ASP A 2 0.69 -6.75 -10.30
C ASP A 2 0.73 -5.73 -9.17
N ASP A 3 0.26 -6.13 -7.99
CA ASP A 3 0.24 -5.26 -6.83
C ASP A 3 -0.17 -3.84 -7.23
N PRO A 4 -1.42 -3.70 -7.70
CA PRO A 4 -1.96 -2.40 -8.13
C PRO A 4 -2.19 -1.46 -6.96
N THR A 5 -2.19 -2.00 -5.75
CA THR A 5 -2.41 -1.21 -4.55
C THR A 5 -1.30 -0.17 -4.38
N CYS A 6 -0.14 -0.44 -4.97
CA CYS A 6 0.99 0.47 -4.89
C CYS A 6 0.62 1.84 -5.44
N GLY A 7 1.02 2.90 -4.72
CA GLY A 7 0.73 4.24 -5.15
C GLY A 7 -0.69 4.67 -4.81
N LYS A 8 -1.39 3.82 -4.08
CA LYS A 8 -2.77 4.10 -3.67
C LYS A 8 -2.80 4.87 -2.35
N PRO A 9 -3.42 6.06 -2.38
CA PRO A 9 -3.54 6.91 -1.19
C PRO A 9 -4.49 6.33 -0.15
N CYS A 10 -4.12 6.46 1.12
CA CYS A 10 -4.94 5.95 2.22
C CYS A 10 -4.48 6.52 3.55
N ASN A 11 -5.23 6.21 4.61
CA ASN A 11 -4.90 6.69 5.95
C ASN A 11 -4.86 5.55 6.94
N THR A 12 -5.17 4.34 6.46
CA THR A 12 -5.17 3.16 7.31
C THR A 12 -4.59 1.95 6.58
N MET A 13 -4.28 0.90 7.34
CA MET A 13 -3.72 -0.32 6.76
C MET A 13 -4.82 -1.24 6.27
N ASP A 14 -5.96 -0.66 5.89
CA ASP A 14 -7.09 -1.43 5.40
C ASP A 14 -7.30 -1.21 3.91
N ASP A 15 -6.76 -0.11 3.40
CA ASP A 15 -6.89 0.22 1.99
C ASP A 15 -5.74 -0.37 1.19
N CYS A 16 -5.02 -1.31 1.79
CA CYS A 16 -3.89 -1.96 1.13
C CYS A 16 -3.80 -3.42 1.54
N SER A 17 -4.89 -3.95 2.07
CA SER A 17 -4.92 -5.35 2.51
C SER A 17 -5.33 -6.26 1.36
N ASN A 18 -4.75 -6.03 0.19
CA ASN A 18 -5.05 -6.84 -0.99
C ASN A 18 -3.80 -7.08 -1.81
N GLY A 19 -3.03 -6.03 -2.04
CA GLY A 19 -1.81 -6.15 -2.81
C GLY A 19 -0.92 -7.27 -2.32
N TRP A 20 -0.18 -7.89 -3.23
CA TRP A 20 0.72 -8.98 -2.88
C TRP A 20 2.07 -8.45 -2.40
N PHE A 21 2.48 -7.32 -2.96
CA PHE A 21 3.76 -6.72 -2.59
C PHE A 21 3.54 -5.47 -1.74
N CYS A 22 2.82 -4.49 -2.29
CA CYS A 22 2.55 -3.25 -1.58
C CYS A 22 1.32 -3.40 -0.68
N GLN A 23 1.42 -4.30 0.29
CA GLN A 23 0.32 -4.54 1.21
C GLN A 23 0.42 -3.63 2.43
N ALA A 24 0.80 -2.37 2.19
CA ALA A 24 0.93 -1.39 3.27
C ALA A 24 0.43 -0.02 2.83
N CYS A 25 0.00 0.78 3.80
CA CYS A 25 -0.51 2.11 3.52
C CYS A 25 0.63 3.13 3.41
N TRP A 26 1.75 2.82 4.07
CA TRP A 26 2.91 3.70 4.04
C TRP A 26 2.55 5.08 4.56
N ASN A 27 2.79 5.31 5.84
CA ASN A 27 2.49 6.60 6.46
C ASN A 27 3.52 7.65 6.05
N SER A 28 4.53 7.22 5.31
CA SER A 28 5.57 8.13 4.84
C SER A 28 5.00 9.22 3.95
N ARG A 29 4.00 8.85 3.15
CA ARG A 29 3.36 9.80 2.25
C ARG A 29 1.88 9.47 2.07
N LYS A 30 1.36 8.65 2.97
CA LYS A 30 -0.05 8.25 2.92
C LYS A 30 -0.35 7.49 1.63
N THR A 31 0.69 7.08 0.93
CA THR A 31 0.54 6.34 -0.31
C THR A 31 1.08 4.92 -0.19
N CYS A 32 0.19 3.94 -0.30
CA CYS A 32 0.58 2.54 -0.19
C CYS A 32 1.93 2.30 -0.86
N GLY A 33 2.71 1.39 -0.29
CA GLY A 33 4.02 1.07 -0.84
C GLY A 33 4.45 -0.36 -0.56
N PRO A 34 5.57 -0.77 -1.17
CA PRO A 34 6.10 -2.13 -1.00
C PRO A 34 6.66 -2.35 0.40
N PHE A 35 6.89 -3.62 0.74
CA PHE A 35 7.42 -3.97 2.06
C PHE A 35 8.87 -3.51 2.20
N VAL A 36 9.55 -4.01 3.23
CA VAL A 36 10.94 -3.66 3.47
C VAL A 36 11.72 -4.85 4.02
N GLN A 1 2.05 -11.03 -9.56
CA GLN A 1 2.89 -9.83 -9.62
C GLN A 1 2.06 -8.63 -10.07
N ASP A 2 0.98 -8.35 -9.35
CA ASP A 2 0.12 -7.22 -9.68
C ASP A 2 0.36 -6.05 -8.72
N ASP A 3 0.11 -6.30 -7.44
CA ASP A 3 0.30 -5.27 -6.41
C ASP A 3 -0.18 -3.91 -6.91
N PRO A 4 -1.50 -3.83 -7.20
CA PRO A 4 -2.11 -2.60 -7.68
C PRO A 4 -2.18 -1.51 -6.61
N THR A 5 -2.50 -1.92 -5.38
CA THR A 5 -2.58 -0.98 -4.27
C THR A 5 -1.32 -0.14 -4.15
N CYS A 6 -0.20 -0.70 -4.61
CA CYS A 6 1.08 0.00 -4.56
C CYS A 6 0.96 1.41 -5.14
N GLY A 7 1.30 2.41 -4.33
CA GLY A 7 1.22 3.79 -4.78
C GLY A 7 -0.15 4.39 -4.56
N LYS A 8 -1.07 3.58 -4.06
CA LYS A 8 -2.44 4.04 -3.80
C LYS A 8 -2.51 4.79 -2.48
N PRO A 9 -3.05 6.03 -2.53
CA PRO A 9 -3.20 6.88 -1.35
C PRO A 9 -4.25 6.35 -0.38
N CYS A 10 -3.98 6.49 0.91
CA CYS A 10 -4.91 6.03 1.94
C CYS A 10 -4.53 6.57 3.31
N ASN A 11 -5.39 6.35 4.29
CA ASN A 11 -5.14 6.82 5.66
C ASN A 11 -5.27 5.68 6.66
N THR A 12 -5.61 4.50 6.16
CA THR A 12 -5.77 3.32 7.01
C THR A 12 -5.07 2.11 6.40
N MET A 13 -4.87 1.08 7.22
CA MET A 13 -4.21 -0.14 6.77
C MET A 13 -5.22 -1.08 6.11
N ASP A 14 -6.30 -0.50 5.59
CA ASP A 14 -7.34 -1.30 4.94
C ASP A 14 -7.31 -1.08 3.43
N ASP A 15 -6.70 0.02 3.00
CA ASP A 15 -6.60 0.35 1.59
C ASP A 15 -5.33 -0.23 0.99
N CYS A 16 -4.72 -1.17 1.69
CA CYS A 16 -3.48 -1.80 1.22
C CYS A 16 -3.43 -3.26 1.65
N SER A 17 -4.58 -3.81 2.04
CA SER A 17 -4.66 -5.19 2.48
C SER A 17 -4.94 -6.12 1.28
N ASN A 18 -4.23 -5.90 0.19
CA ASN A 18 -4.40 -6.71 -1.02
C ASN A 18 -3.08 -6.89 -1.74
N GLY A 19 -2.40 -5.78 -2.02
CA GLY A 19 -1.12 -5.84 -2.71
C GLY A 19 -0.17 -6.83 -2.07
N TRP A 20 0.28 -7.81 -2.84
CA TRP A 20 1.20 -8.83 -2.36
C TRP A 20 2.49 -8.20 -1.86
N PHE A 21 3.02 -7.27 -2.63
CA PHE A 21 4.26 -6.58 -2.28
C PHE A 21 3.98 -5.35 -1.41
N CYS A 22 3.26 -4.39 -1.99
CA CYS A 22 2.92 -3.16 -1.28
C CYS A 22 1.68 -3.36 -0.40
N GLN A 23 1.81 -4.21 0.60
CA GLN A 23 0.69 -4.50 1.50
C GLN A 23 0.72 -3.57 2.71
N ALA A 24 1.15 -2.33 2.49
CA ALA A 24 1.22 -1.35 3.56
C ALA A 24 0.79 0.03 3.07
N CYS A 25 -0.17 0.62 3.78
CA CYS A 25 -0.67 1.94 3.41
C CYS A 25 0.44 2.97 3.41
N TRP A 26 1.53 2.65 4.10
CA TRP A 26 2.69 3.56 4.19
C TRP A 26 2.27 4.91 4.76
N ASN A 27 2.43 5.06 6.07
CA ASN A 27 2.07 6.31 6.74
C ASN A 27 3.13 7.38 6.50
N SER A 28 4.21 6.99 5.82
CA SER A 28 5.30 7.91 5.53
C SER A 28 4.83 9.04 4.61
N ARG A 29 3.94 8.70 3.69
CA ARG A 29 3.40 9.68 2.75
C ARG A 29 1.93 9.39 2.44
N LYS A 30 1.32 8.54 3.24
CA LYS A 30 -0.08 8.18 3.05
C LYS A 30 -0.28 7.49 1.71
N THR A 31 0.80 7.06 1.10
CA THR A 31 0.75 6.39 -0.20
C THR A 31 1.28 4.97 -0.12
N CYS A 32 0.42 4.00 -0.38
CA CYS A 32 0.80 2.60 -0.34
C CYS A 32 2.21 2.40 -0.88
N GLY A 33 2.96 1.50 -0.25
CA GLY A 33 4.32 1.23 -0.68
C GLY A 33 4.77 -0.17 -0.36
N PRO A 34 5.92 -0.58 -0.92
CA PRO A 34 6.47 -1.92 -0.70
C PRO A 34 6.99 -2.11 0.72
N PHE A 35 7.25 -3.36 1.09
CA PHE A 35 7.76 -3.67 2.43
C PHE A 35 9.28 -3.63 2.46
N VAL A 36 9.87 -2.99 1.46
CA VAL A 36 11.32 -2.87 1.37
C VAL A 36 11.83 -1.65 2.11
N GLN A 1 2.42 -10.47 -10.87
CA GLN A 1 2.87 -9.26 -10.21
C GLN A 1 1.93 -8.10 -10.49
N ASP A 2 0.80 -8.08 -9.79
CA ASP A 2 -0.19 -7.02 -9.97
C ASP A 2 0.05 -5.88 -8.98
N ASP A 3 -0.19 -6.15 -7.70
CA ASP A 3 -0.01 -5.15 -6.65
C ASP A 3 -0.49 -3.79 -7.13
N PRO A 4 -1.80 -3.67 -7.39
CA PRO A 4 -2.42 -2.43 -7.84
C PRO A 4 -2.46 -1.37 -6.75
N THR A 5 -2.73 -1.79 -5.53
CA THR A 5 -2.80 -0.88 -4.40
C THR A 5 -1.53 -0.04 -4.29
N CYS A 6 -0.43 -0.58 -4.79
CA CYS A 6 0.85 0.12 -4.76
C CYS A 6 0.71 1.54 -5.30
N GLY A 7 1.08 2.52 -4.49
CA GLY A 7 0.99 3.90 -4.90
C GLY A 7 -0.38 4.50 -4.62
N LYS A 8 -1.29 3.68 -4.12
CA LYS A 8 -2.64 4.14 -3.80
C LYS A 8 -2.67 4.86 -2.47
N PRO A 9 -3.20 6.10 -2.47
CA PRO A 9 -3.31 6.92 -1.26
C PRO A 9 -4.34 6.37 -0.27
N CYS A 10 -4.03 6.48 1.01
CA CYS A 10 -4.93 6.01 2.06
C CYS A 10 -4.49 6.50 3.42
N ASN A 11 -5.33 6.27 4.43
CA ASN A 11 -5.02 6.71 5.79
C ASN A 11 -5.12 5.54 6.77
N THR A 12 -5.50 4.38 6.25
CA THR A 12 -5.64 3.19 7.08
C THR A 12 -4.97 1.99 6.42
N MET A 13 -4.74 0.94 7.21
CA MET A 13 -4.10 -0.27 6.70
C MET A 13 -5.13 -1.19 6.04
N ASP A 14 -6.23 -0.61 5.60
CA ASP A 14 -7.29 -1.38 4.95
C ASP A 14 -7.30 -1.13 3.44
N ASP A 15 -6.70 -0.02 3.02
CA ASP A 15 -6.65 0.34 1.61
C ASP A 15 -5.39 -0.23 0.96
N CYS A 16 -4.76 -1.20 1.63
CA CYS A 16 -3.55 -1.81 1.12
C CYS A 16 -3.48 -3.28 1.51
N SER A 17 -4.62 -3.84 1.93
CA SER A 17 -4.69 -5.23 2.34
C SER A 17 -5.00 -6.13 1.15
N ASN A 18 -4.32 -5.90 0.03
CA ASN A 18 -4.53 -6.68 -1.17
C ASN A 18 -3.23 -6.85 -1.94
N GLY A 19 -2.56 -5.73 -2.21
CA GLY A 19 -1.30 -5.78 -2.95
C GLY A 19 -0.33 -6.78 -2.36
N TRP A 20 0.08 -7.75 -3.15
CA TRP A 20 1.02 -8.78 -2.71
C TRP A 20 2.32 -8.15 -2.24
N PHE A 21 2.84 -7.21 -3.03
CA PHE A 21 4.09 -6.54 -2.69
C PHE A 21 3.83 -5.33 -1.81
N CYS A 22 3.10 -4.36 -2.34
CA CYS A 22 2.78 -3.15 -1.59
C CYS A 22 1.56 -3.37 -0.70
N GLN A 23 1.71 -4.25 0.29
CA GLN A 23 0.62 -4.54 1.22
C GLN A 23 0.69 -3.64 2.44
N ALA A 24 1.12 -2.40 2.24
CA ALA A 24 1.23 -1.44 3.33
C ALA A 24 0.79 -0.05 2.88
N CYS A 25 -0.15 0.53 3.62
CA CYS A 25 -0.66 1.86 3.29
C CYS A 25 0.47 2.89 3.29
N TRP A 26 1.58 2.55 3.94
CA TRP A 26 2.72 3.44 4.01
C TRP A 26 2.34 4.78 4.62
N ASN A 27 2.54 4.91 5.93
CA ASN A 27 2.21 6.14 6.63
C ASN A 27 3.27 7.21 6.39
N SER A 28 4.33 6.83 5.67
CA SER A 28 5.41 7.76 5.36
C SER A 28 4.91 8.91 4.49
N ARG A 29 3.98 8.59 3.59
CA ARG A 29 3.42 9.59 2.69
C ARG A 29 1.95 9.32 2.41
N LYS A 30 1.35 8.45 3.22
CA LYS A 30 -0.05 8.10 3.06
C LYS A 30 -0.31 7.45 1.71
N THR A 31 0.77 7.03 1.05
CA THR A 31 0.67 6.40 -0.26
C THR A 31 1.20 4.97 -0.21
N CYS A 32 0.33 4.00 -0.49
CA CYS A 32 0.71 2.60 -0.48
C CYS A 32 2.11 2.41 -1.07
N GLY A 33 2.87 1.49 -0.48
CA GLY A 33 4.22 1.24 -0.95
C GLY A 33 4.67 -0.18 -0.67
N PRO A 34 5.80 -0.58 -1.28
CA PRO A 34 6.36 -1.92 -1.10
C PRO A 34 6.93 -2.14 0.29
N PHE A 35 7.17 -3.39 0.65
CA PHE A 35 7.71 -3.73 1.96
C PHE A 35 9.10 -3.13 2.14
N VAL A 36 9.80 -3.58 3.17
CA VAL A 36 11.15 -3.09 3.47
C VAL A 36 11.98 -4.17 4.15
#